data_1M2D
#
_entry.id   1M2D
#
_cell.length_a   67.300
_cell.length_b   59.800
_cell.length_c   46.800
_cell.angle_alpha   90.00
_cell.angle_beta   109.30
_cell.angle_gamma   90.00
#
_symmetry.space_group_name_H-M   'C 1 2 1'
#
loop_
_entity.id
_entity.type
_entity.pdbx_description
1 polymer '[2Fe-2S] ferredoxin'
2 non-polymer 'FE2/S2 (INORGANIC) CLUSTER'
3 water water
#
_entity_poly.entity_id   1
_entity_poly.type   'polypeptide(L)'
_entity_poly.pdbx_seq_one_letter_code
;AEFKHVFVCVQDRPPGHPQGSCAQRGSREVFQAFMEKIQTDPQLFMTTVITPTGCMNASMMGPVVVVYPDGVWYGQVKPE
DVDEIVEKHLKGGEPVERLVISKGKPPGMF
;
_entity_poly.pdbx_strand_id   A,B
#
loop_
_chem_comp.id
_chem_comp.type
_chem_comp.name
_chem_comp.formula
FES non-polymer 'FE2/S2 (INORGANIC) CLUSTER' 'Fe2 S2'
#
# COMPACT_ATOMS: atom_id res chain seq x y z
N PHE A 3 -12.76 8.80 2.63
CA PHE A 3 -12.05 7.69 2.05
C PHE A 3 -10.88 7.29 2.94
N LYS A 4 -10.76 6.01 3.24
CA LYS A 4 -9.61 5.45 3.91
C LYS A 4 -9.08 4.29 3.08
N HIS A 5 -7.77 4.15 3.09
CA HIS A 5 -7.06 3.12 2.32
C HIS A 5 -6.25 2.32 3.35
N VAL A 6 -6.61 1.05 3.46
CA VAL A 6 -6.02 0.14 4.43
C VAL A 6 -5.05 -0.78 3.68
N PHE A 7 -3.82 -0.82 4.09
CA PHE A 7 -2.78 -1.66 3.52
C PHE A 7 -2.42 -2.75 4.51
N VAL A 8 -2.53 -3.99 4.11
CA VAL A 8 -2.21 -5.14 4.95
C VAL A 8 -1.02 -5.88 4.33
N CYS A 9 0.08 -5.96 5.09
CA CYS A 9 1.22 -6.72 4.62
C CYS A 9 0.85 -8.22 4.61
N VAL A 10 0.96 -8.85 3.44
CA VAL A 10 0.70 -10.24 3.26
C VAL A 10 1.98 -11.03 2.88
N GLN A 11 3.13 -10.38 3.02
CA GLN A 11 4.41 -10.99 2.69
C GLN A 11 4.64 -12.26 3.47
N ASP A 12 5.11 -13.27 2.74
CA ASP A 12 5.65 -14.45 3.37
C ASP A 12 7.15 -14.49 3.09
N ARG A 13 7.86 -15.27 3.91
CA ARG A 13 9.32 -15.41 3.83
C ARG A 13 9.67 -16.88 4.07
N PRO A 14 10.79 -17.35 3.56
CA PRO A 14 11.28 -18.67 3.96
C PRO A 14 11.59 -18.72 5.45
N PRO A 15 11.61 -19.95 5.99
CA PRO A 15 11.69 -20.14 7.44
C PRO A 15 12.95 -19.59 8.07
N GLY A 16 14.05 -19.51 7.35
CA GLY A 16 15.22 -19.00 8.03
C GLY A 16 15.31 -17.49 8.10
N HIS A 17 14.31 -16.76 7.60
CA HIS A 17 14.46 -15.29 7.61
C HIS A 17 14.42 -14.76 9.03
N PRO A 18 15.39 -14.06 9.55
CA PRO A 18 15.41 -13.74 10.99
C PRO A 18 14.16 -13.06 11.52
N GLN A 19 13.69 -12.08 10.74
CA GLN A 19 12.58 -11.23 11.11
C GLN A 19 11.23 -11.88 10.86
N GLY A 20 11.21 -13.08 10.27
CA GLY A 20 9.96 -13.74 9.99
C GLY A 20 9.15 -12.95 9.00
N SER A 21 7.84 -13.08 9.06
CA SER A 21 7.00 -12.41 8.07
C SER A 21 5.63 -12.20 8.64
N CYS A 22 4.87 -11.25 8.03
CA CYS A 22 3.53 -11.03 8.48
C CYS A 22 2.62 -12.22 8.17
N ALA A 23 2.81 -12.88 7.04
CA ALA A 23 1.99 -14.06 6.72
C ALA A 23 2.18 -15.16 7.75
N GLN A 24 3.40 -15.40 8.19
CA GLN A 24 3.65 -16.39 9.22
C GLN A 24 2.96 -16.04 10.52
N ARG A 25 2.70 -14.75 10.76
CA ARG A 25 2.11 -14.22 11.97
C ARG A 25 0.60 -14.01 11.84
N GLY A 26 0.01 -14.53 10.79
CA GLY A 26 -1.45 -14.56 10.61
C GLY A 26 -2.00 -13.47 9.74
N SER A 27 -1.16 -12.76 8.92
CA SER A 27 -1.69 -11.58 8.29
C SER A 27 -2.60 -11.89 7.11
N ARG A 28 -2.49 -13.07 6.50
CA ARG A 28 -3.46 -13.28 5.38
C ARG A 28 -4.85 -13.46 5.94
N GLU A 29 -4.97 -14.00 7.16
CA GLU A 29 -6.28 -14.08 7.81
C GLU A 29 -6.77 -12.69 8.24
N VAL A 30 -5.89 -11.79 8.58
CA VAL A 30 -6.20 -10.38 8.82
C VAL A 30 -6.77 -9.72 7.57
N PHE A 31 -6.05 -9.89 6.45
CA PHE A 31 -6.45 -9.34 5.17
C PHE A 31 -7.83 -9.88 4.83
N GLN A 32 -8.06 -11.17 4.91
CA GLN A 32 -9.32 -11.83 4.65
C GLN A 32 -10.43 -11.23 5.54
N ALA A 33 -10.16 -11.02 6.80
CA ALA A 33 -11.16 -10.47 7.72
C ALA A 33 -11.55 -9.04 7.34
N PHE A 34 -10.58 -8.24 6.94
CA PHE A 34 -10.92 -6.92 6.42
C PHE A 34 -11.79 -6.97 5.15
N MET A 35 -11.36 -7.81 4.22
CA MET A 35 -12.19 -8.04 3.03
C MET A 35 -13.60 -8.56 3.37
N GLU A 36 -13.76 -9.52 4.30
CA GLU A 36 -15.11 -9.97 4.65
C GLU A 36 -15.91 -8.84 5.26
N LYS A 37 -15.31 -7.96 6.05
CA LYS A 37 -16.11 -6.85 6.57
C LYS A 37 -16.51 -5.83 5.51
N ILE A 38 -15.51 -5.33 4.80
CA ILE A 38 -15.64 -4.17 3.97
C ILE A 38 -16.72 -4.51 2.98
N GLN A 39 -16.90 -5.78 2.54
CA GLN A 39 -18.08 -5.79 1.67
C GLN A 39 -19.30 -6.06 2.55
N THR A 40 -19.53 -7.01 3.42
CA THR A 40 -20.84 -7.22 4.03
C THR A 40 -21.43 -6.00 4.74
N ASP A 41 -20.82 -4.84 4.73
CA ASP A 41 -21.04 -3.53 5.19
C ASP A 41 -21.10 -2.46 4.10
N PRO A 42 -22.30 -2.07 3.71
CA PRO A 42 -22.46 -1.02 2.66
C PRO A 42 -21.70 0.25 3.01
N GLN A 43 -21.73 0.75 4.21
CA GLN A 43 -21.06 1.99 4.56
C GLN A 43 -19.55 1.83 4.39
N LEU A 44 -19.02 0.68 4.76
CA LEU A 44 -17.58 0.54 4.54
C LEU A 44 -17.21 0.47 3.08
N PHE A 45 -18.03 -0.29 2.36
CA PHE A 45 -17.71 -0.62 1.01
C PHE A 45 -17.57 0.59 0.13
N MET A 46 -18.34 1.66 0.40
CA MET A 46 -18.23 2.78 -0.53
C MET A 46 -17.24 3.83 -0.03
N THR A 47 -16.49 3.55 1.03
CA THR A 47 -15.51 4.58 1.41
C THR A 47 -14.14 4.05 1.76
N THR A 48 -13.94 2.73 1.55
CA THR A 48 -12.76 2.04 2.10
C THR A 48 -12.21 1.13 1.03
N VAL A 49 -10.90 1.10 0.88
CA VAL A 49 -10.19 0.16 0.00
C VAL A 49 -9.22 -0.61 0.87
N ILE A 50 -9.10 -1.91 0.67
CA ILE A 50 -8.23 -2.82 1.36
C ILE A 50 -7.25 -3.36 0.32
N THR A 51 -5.97 -3.16 0.53
CA THR A 51 -4.92 -3.52 -0.42
C THR A 51 -3.90 -4.40 0.25
N PRO A 52 -3.57 -5.57 -0.35
CA PRO A 52 -2.49 -6.40 0.17
C PRO A 52 -1.14 -5.91 -0.33
N THR A 53 -0.11 -6.03 0.52
CA THR A 53 1.20 -5.53 0.17
C THR A 53 2.30 -6.51 0.47
N GLY A 54 3.47 -6.22 -0.09
CA GLY A 54 4.72 -6.81 0.39
C GLY A 54 5.21 -6.09 1.64
N CYS A 55 6.37 -6.51 2.13
CA CYS A 55 6.93 -6.07 3.41
C CYS A 55 7.01 -4.57 3.45
N MET A 56 6.55 -4.01 4.58
CA MET A 56 6.63 -2.59 4.89
C MET A 56 7.66 -2.28 5.98
N ASN A 57 8.61 -3.20 6.17
CA ASN A 57 9.80 -2.94 6.91
C ASN A 57 9.58 -2.75 8.41
N ALA A 58 8.56 -3.44 8.96
CA ALA A 58 8.34 -3.46 10.39
C ALA A 58 7.94 -4.88 10.84
N SER A 59 8.58 -5.87 10.21
CA SER A 59 8.12 -7.26 10.27
C SER A 59 8.08 -7.84 11.67
N MET A 60 9.05 -7.51 12.49
CA MET A 60 9.06 -8.08 13.84
C MET A 60 7.88 -7.58 14.71
N MET A 61 7.20 -6.53 14.25
CA MET A 61 6.03 -6.00 14.95
C MET A 61 4.72 -6.37 14.22
N GLY A 62 4.78 -7.33 13.30
CA GLY A 62 3.66 -7.68 12.52
C GLY A 62 2.63 -8.57 13.15
N PRO A 63 1.51 -8.82 12.50
CA PRO A 63 1.05 -8.24 11.22
C PRO A 63 0.92 -6.72 11.23
N VAL A 64 1.50 -6.12 10.21
CA VAL A 64 1.52 -4.67 9.98
C VAL A 64 0.34 -4.26 9.09
N VAL A 65 -0.42 -3.29 9.56
CA VAL A 65 -1.56 -2.73 8.84
C VAL A 65 -1.42 -1.22 8.88
N VAL A 66 -1.50 -0.55 7.73
CA VAL A 66 -1.34 0.91 7.69
C VAL A 66 -2.59 1.53 7.09
N VAL A 67 -3.08 2.58 7.71
CA VAL A 67 -4.25 3.28 7.28
C VAL A 67 -3.88 4.68 6.82
N TYR A 68 -4.16 4.96 5.55
CA TYR A 68 -3.97 6.27 4.95
C TYR A 68 -5.28 6.89 4.59
N PRO A 69 -5.34 8.21 4.43
CA PRO A 69 -4.25 9.15 4.60
C PRO A 69 -3.87 9.47 6.06
N ASP A 70 -4.56 8.87 7.03
CA ASP A 70 -4.26 9.15 8.43
C ASP A 70 -2.82 8.94 8.80
N GLY A 71 -2.19 7.92 8.20
CA GLY A 71 -0.84 7.57 8.58
C GLY A 71 -0.66 6.80 9.86
N VAL A 72 -1.69 6.00 10.19
CA VAL A 72 -1.65 5.18 11.38
C VAL A 72 -1.10 3.82 11.02
N TRP A 73 -0.01 3.43 11.66
CA TRP A 73 0.60 2.10 11.52
C TRP A 73 0.21 1.28 12.72
N TYR A 74 -0.40 0.12 12.46
CA TYR A 74 -0.72 -0.87 13.45
C TYR A 74 0.25 -2.03 13.36
N GLY A 75 0.54 -2.62 14.53
CA GLY A 75 1.28 -3.85 14.62
C GLY A 75 0.55 -4.91 15.41
N GLN A 76 1.01 -6.12 15.27
CA GLN A 76 0.50 -7.27 16.02
C GLN A 76 -0.98 -7.51 15.79
N VAL A 77 -1.49 -7.15 14.60
CA VAL A 77 -2.91 -7.25 14.39
C VAL A 77 -3.33 -8.72 14.25
N LYS A 78 -4.35 -9.10 14.98
CA LYS A 78 -4.98 -10.42 14.87
C LYS A 78 -6.26 -10.33 14.10
N PRO A 79 -6.70 -11.41 13.47
CA PRO A 79 -8.02 -11.36 12.82
C PRO A 79 -9.12 -10.90 13.77
N GLU A 80 -9.04 -11.26 15.03
CA GLU A 80 -10.01 -10.88 16.06
C GLU A 80 -10.01 -9.39 16.36
N ASP A 81 -8.99 -8.64 15.93
CA ASP A 81 -8.93 -7.22 16.12
C ASP A 81 -9.55 -6.45 14.95
N VAL A 82 -9.83 -7.08 13.85
CA VAL A 82 -10.27 -6.35 12.66
C VAL A 82 -11.61 -5.65 12.95
N ASP A 83 -12.52 -6.29 13.68
CA ASP A 83 -13.78 -5.61 13.93
C ASP A 83 -13.59 -4.31 14.70
N GLU A 84 -12.71 -4.31 15.70
CA GLU A 84 -12.51 -3.07 16.46
C GLU A 84 -11.92 -2.02 15.58
N ILE A 85 -10.94 -2.37 14.72
CA ILE A 85 -10.38 -1.34 13.84
C ILE A 85 -11.45 -0.81 12.90
N VAL A 86 -12.27 -1.68 12.32
CA VAL A 86 -13.34 -1.24 11.44
C VAL A 86 -14.30 -0.30 12.18
N GLU A 87 -14.79 -0.73 13.32
CA GLU A 87 -15.78 0.05 14.04
C GLU A 87 -15.25 1.36 14.54
N LYS A 88 -14.16 1.29 15.27
CA LYS A 88 -13.66 2.46 15.98
C LYS A 88 -12.95 3.42 15.06
N HIS A 89 -12.12 2.90 14.16
CA HIS A 89 -11.28 3.72 13.29
C HIS A 89 -11.91 3.92 11.91
N LEU A 90 -12.16 2.88 11.17
CA LEU A 90 -12.57 3.12 9.76
C LEU A 90 -13.94 3.76 9.73
N LYS A 91 -14.84 3.42 10.65
CA LYS A 91 -16.14 4.06 10.67
C LYS A 91 -16.14 5.23 11.67
N GLY A 92 -15.58 5.07 12.86
CA GLY A 92 -15.66 6.03 13.94
C GLY A 92 -14.63 7.13 13.91
N GLY A 93 -13.56 7.00 13.14
CA GLY A 93 -12.54 8.01 13.17
C GLY A 93 -11.55 7.97 14.30
N GLU A 94 -11.47 7.01 15.17
CA GLU A 94 -10.58 6.92 16.34
C GLU A 94 -9.65 5.72 16.18
N PRO A 95 -8.34 5.92 16.00
CA PRO A 95 -7.43 4.76 15.95
C PRO A 95 -7.54 3.92 17.21
N VAL A 96 -7.31 2.65 17.15
CA VAL A 96 -7.27 1.63 18.13
C VAL A 96 -5.90 1.73 18.78
N GLU A 97 -5.86 2.53 19.85
CA GLU A 97 -4.58 2.93 20.45
C GLU A 97 -3.70 1.78 20.81
N ARG A 98 -4.27 0.69 21.35
CA ARG A 98 -3.46 -0.40 21.86
C ARG A 98 -2.63 -1.09 20.76
N LEU A 99 -3.00 -0.97 19.51
CA LEU A 99 -2.28 -1.63 18.40
C LEU A 99 -1.40 -0.71 17.63
N VAL A 100 -1.39 0.59 17.93
CA VAL A 100 -0.60 1.54 17.14
C VAL A 100 0.87 1.37 17.40
N ILE A 101 1.66 1.32 16.33
CA ILE A 101 3.10 1.41 16.41
C ILE A 101 3.64 2.74 15.90
N SER A 102 2.94 3.49 15.10
CA SER A 102 3.36 4.81 14.69
C SER A 102 2.15 5.60 14.25
N LYS A 103 2.12 6.90 14.53
CA LYS A 103 1.21 7.82 13.88
C LYS A 103 2.11 8.80 13.06
N PHE B 3 7.98 12.83 5.21
CA PHE B 3 7.78 11.38 4.98
C PHE B 3 6.79 11.14 3.85
N LYS B 4 7.11 10.29 2.91
CA LYS B 4 6.27 9.90 1.81
C LYS B 4 6.32 8.38 1.67
N HIS B 5 5.17 7.82 1.33
CA HIS B 5 4.99 6.39 1.20
C HIS B 5 4.40 6.15 -0.20
N VAL B 6 5.16 5.49 -1.04
CA VAL B 6 4.81 5.23 -2.44
C VAL B 6 4.42 3.78 -2.57
N PHE B 7 3.25 3.52 -3.12
CA PHE B 7 2.70 2.21 -3.35
C PHE B 7 2.65 1.96 -4.86
N VAL B 8 3.28 0.89 -5.31
CA VAL B 8 3.32 0.54 -6.72
C VAL B 8 2.59 -0.81 -6.88
N CYS B 9 1.53 -0.84 -7.67
CA CYS B 9 0.89 -2.09 -7.96
C CYS B 9 1.80 -2.95 -8.83
N VAL B 10 2.09 -4.17 -8.36
CA VAL B 10 2.87 -5.15 -9.10
C VAL B 10 2.07 -6.40 -9.40
N GLN B 11 0.76 -6.32 -9.28
CA GLN B 11 -0.13 -7.43 -9.59
C GLN B 11 0.03 -7.91 -11.02
N ASP B 12 0.09 -9.23 -11.14
CA ASP B 12 -0.01 -9.89 -12.46
C ASP B 12 -1.35 -10.60 -12.50
N ARG B 13 -1.83 -10.85 -13.71
CA ARG B 13 -3.05 -11.57 -13.91
C ARG B 13 -2.88 -12.50 -15.10
N PRO B 14 -3.61 -13.59 -15.13
CA PRO B 14 -3.65 -14.45 -16.32
C PRO B 14 -4.11 -13.66 -17.52
N PRO B 15 -3.74 -14.12 -18.71
CA PRO B 15 -4.17 -13.42 -19.94
C PRO B 15 -5.67 -13.26 -20.15
N GLY B 16 -6.59 -14.06 -19.66
CA GLY B 16 -8.00 -13.77 -20.05
C GLY B 16 -8.61 -12.65 -19.23
N HIS B 17 -7.87 -12.12 -18.21
CA HIS B 17 -8.51 -11.16 -17.33
C HIS B 17 -8.80 -9.92 -18.12
N PRO B 18 -10.00 -9.45 -18.24
CA PRO B 18 -10.37 -8.36 -19.16
C PRO B 18 -9.54 -7.09 -18.94
N GLN B 19 -9.34 -6.69 -17.72
CA GLN B 19 -8.68 -5.44 -17.34
C GLN B 19 -7.18 -5.54 -17.42
N GLY B 20 -6.63 -6.71 -17.70
CA GLY B 20 -5.21 -6.85 -17.70
C GLY B 20 -4.61 -6.64 -16.31
N SER B 21 -3.38 -6.19 -16.26
CA SER B 21 -2.68 -6.02 -14.98
C SER B 21 -1.62 -4.96 -15.11
N CYS B 22 -1.24 -4.43 -13.92
CA CYS B 22 -0.13 -3.47 -13.93
C CYS B 22 1.17 -4.12 -14.32
N ALA B 23 1.42 -5.36 -13.91
CA ALA B 23 2.67 -6.00 -14.23
C ALA B 23 2.79 -6.17 -15.77
N GLN B 24 1.68 -6.53 -16.43
CA GLN B 24 1.73 -6.67 -17.92
C GLN B 24 1.96 -5.34 -18.58
N ARG B 25 1.69 -4.24 -17.92
CA ARG B 25 1.87 -2.90 -18.42
C ARG B 25 3.21 -2.27 -17.95
N GLY B 26 4.11 -3.06 -17.39
CA GLY B 26 5.45 -2.64 -17.04
C GLY B 26 5.69 -2.24 -15.60
N SER B 27 4.74 -2.52 -14.70
CA SER B 27 4.85 -1.93 -13.37
C SER B 27 5.94 -2.54 -12.53
N ARG B 28 6.44 -3.74 -12.81
CA ARG B 28 7.54 -4.25 -12.01
C ARG B 28 8.80 -3.42 -12.25
N GLU B 29 8.98 -2.93 -13.48
CA GLU B 29 10.11 -2.06 -13.79
C GLU B 29 9.93 -0.69 -13.14
N VAL B 30 8.68 -0.23 -13.03
CA VAL B 30 8.40 1.00 -12.28
C VAL B 30 8.80 0.85 -10.82
N PHE B 31 8.36 -0.22 -10.20
CA PHE B 31 8.72 -0.52 -8.83
C PHE B 31 10.23 -0.54 -8.66
N GLN B 32 10.94 -1.26 -9.50
CA GLN B 32 12.39 -1.39 -9.42
C GLN B 32 13.05 -0.04 -9.54
N ALA B 33 12.54 0.82 -10.45
CA ALA B 33 13.12 2.15 -10.64
C ALA B 33 12.96 2.98 -9.37
N PHE B 34 11.77 2.97 -8.77
CA PHE B 34 11.59 3.67 -7.48
C PHE B 34 12.56 3.15 -6.43
N MET B 35 12.68 1.82 -6.32
CA MET B 35 13.58 1.27 -5.32
C MET B 35 15.00 1.71 -5.55
N GLU B 36 15.48 1.67 -6.76
CA GLU B 36 16.87 2.09 -7.04
C GLU B 36 17.07 3.54 -6.70
N LYS B 37 16.11 4.39 -7.07
CA LYS B 37 16.24 5.81 -6.83
C LYS B 37 16.31 6.11 -5.34
N ILE B 38 15.36 5.57 -4.60
CA ILE B 38 15.29 5.92 -3.17
C ILE B 38 16.54 5.45 -2.45
N GLN B 39 17.08 4.25 -2.77
CA GLN B 39 18.21 3.68 -2.08
C GLN B 39 19.51 4.37 -2.40
N THR B 40 19.54 5.15 -3.45
CA THR B 40 20.74 5.83 -3.89
C THR B 40 20.66 7.36 -3.74
N ASP B 41 19.61 7.86 -3.13
CA ASP B 41 19.41 9.31 -2.91
C ASP B 41 19.49 9.60 -1.45
N PRO B 42 20.57 10.26 -1.05
CA PRO B 42 20.75 10.57 0.35
C PRO B 42 19.60 11.39 0.97
N GLN B 43 18.85 12.10 0.12
CA GLN B 43 17.76 12.83 0.77
C GLN B 43 16.42 12.14 0.72
N LEU B 44 16.37 11.00 0.17
CA LEU B 44 15.09 10.25 0.21
C LEU B 44 15.21 8.96 1.01
N PHE B 45 16.40 8.40 1.11
CA PHE B 45 16.52 7.05 1.66
C PHE B 45 16.08 6.93 3.12
N MET B 46 16.10 8.02 3.87
CA MET B 46 15.66 8.08 5.26
C MET B 46 14.24 8.57 5.43
N THR B 47 13.55 8.98 4.39
CA THR B 47 12.25 9.62 4.54
C THR B 47 11.18 9.04 3.60
N THR B 48 11.47 8.04 2.81
CA THR B 48 10.60 7.56 1.75
C THR B 48 10.56 6.02 1.84
N VAL B 49 9.35 5.47 1.72
CA VAL B 49 9.16 4.04 1.67
C VAL B 49 8.54 3.71 0.31
N ILE B 50 8.99 2.63 -0.33
CA ILE B 50 8.44 2.14 -1.58
C ILE B 50 7.93 0.74 -1.30
N THR B 51 6.62 0.53 -1.54
CA THR B 51 5.97 -0.71 -1.19
C THR B 51 5.25 -1.30 -2.42
N PRO B 52 5.51 -2.57 -2.73
CA PRO B 52 4.78 -3.22 -3.83
C PRO B 52 3.43 -3.73 -3.33
N THR B 53 2.40 -3.67 -4.19
CA THR B 53 1.09 -4.08 -3.79
C THR B 53 0.42 -4.98 -4.80
N GLY B 54 -0.68 -5.59 -4.35
CA GLY B 54 -1.66 -6.16 -5.28
C GLY B 54 -2.56 -5.09 -5.82
N CYS B 55 -3.53 -5.52 -6.63
CA CYS B 55 -4.37 -4.64 -7.40
C CYS B 55 -5.05 -3.60 -6.50
N MET B 56 -4.98 -2.36 -6.93
CA MET B 56 -5.62 -1.21 -6.29
C MET B 56 -6.84 -0.72 -7.09
N ASN B 57 -7.43 -1.58 -7.89
CA ASN B 57 -8.74 -1.42 -8.48
C ASN B 57 -8.81 -0.28 -9.49
N ALA B 58 -7.69 -0.05 -10.19
CA ALA B 58 -7.61 0.95 -11.26
C ALA B 58 -6.80 0.43 -12.43
N SER B 59 -6.95 -0.90 -12.66
CA SER B 59 -6.03 -1.59 -13.53
C SER B 59 -5.98 -1.07 -14.97
N MET B 60 -7.12 -0.63 -15.48
CA MET B 60 -7.06 -0.14 -16.90
C MET B 60 -6.22 1.13 -17.00
N MET B 61 -5.95 1.81 -15.87
CA MET B 61 -5.06 2.94 -15.85
C MET B 61 -3.65 2.62 -15.43
N GLY B 62 -3.29 1.35 -15.44
CA GLY B 62 -1.99 0.98 -14.96
C GLY B 62 -0.80 1.35 -15.84
N PRO B 63 0.41 1.30 -15.33
CA PRO B 63 0.75 1.08 -13.90
C PRO B 63 0.23 2.18 -12.99
N VAL B 64 -0.36 1.71 -11.88
CA VAL B 64 -0.92 2.53 -10.86
C VAL B 64 0.11 2.71 -9.72
N VAL B 65 0.31 3.96 -9.35
CA VAL B 65 1.21 4.36 -8.29
C VAL B 65 0.48 5.33 -7.38
N VAL B 66 0.48 5.11 -6.07
CA VAL B 66 -0.22 6.00 -5.16
C VAL B 66 0.78 6.54 -4.14
N VAL B 67 0.75 7.84 -3.91
CA VAL B 67 1.62 8.50 -2.96
C VAL B 67 0.84 9.00 -1.75
N TYR B 68 1.19 8.53 -0.59
CA TYR B 68 0.57 8.95 0.69
C TYR B 68 1.62 9.64 1.53
N PRO B 69 1.18 10.47 2.49
CA PRO B 69 -0.21 10.76 2.79
C PRO B 69 -0.94 11.71 1.86
N ASP B 70 -0.27 12.22 0.83
CA ASP B 70 -0.83 13.16 -0.15
C ASP B 70 -2.12 12.66 -0.76
N GLY B 71 -2.22 11.34 -1.02
CA GLY B 71 -3.36 10.77 -1.69
C GLY B 71 -3.40 11.05 -3.20
N VAL B 72 -2.21 11.11 -3.80
CA VAL B 72 -2.11 11.31 -5.23
C VAL B 72 -2.00 9.96 -5.94
N TRP B 73 -2.96 9.70 -6.82
CA TRP B 73 -2.97 8.51 -7.62
C TRP B 73 -2.45 8.85 -9.03
N TYR B 74 -1.47 8.11 -9.48
CA TYR B 74 -0.93 8.18 -10.80
C TYR B 74 -1.32 6.96 -11.62
N GLY B 75 -1.49 7.15 -12.92
CA GLY B 75 -1.71 6.09 -13.85
C GLY B 75 -0.83 6.21 -15.06
N GLN B 76 -0.70 5.10 -15.76
CA GLN B 76 0.06 5.02 -17.01
C GLN B 76 1.50 5.39 -16.79
N VAL B 77 2.00 5.03 -15.62
CA VAL B 77 3.37 5.40 -15.29
C VAL B 77 4.34 4.49 -16.02
N LYS B 78 5.29 5.09 -16.73
CA LYS B 78 6.38 4.34 -17.37
C LYS B 78 7.59 4.36 -16.45
N PRO B 79 8.48 3.40 -16.57
CA PRO B 79 9.76 3.48 -15.81
C PRO B 79 10.50 4.80 -16.00
N GLU B 80 10.46 5.32 -17.19
CA GLU B 80 11.09 6.56 -17.59
C GLU B 80 10.46 7.76 -16.89
N ASP B 81 9.26 7.61 -16.30
CA ASP B 81 8.62 8.71 -15.59
C ASP B 81 8.96 8.77 -14.12
N VAL B 82 9.60 7.74 -13.60
CA VAL B 82 9.89 7.65 -12.19
C VAL B 82 10.76 8.80 -11.74
N ASP B 83 11.80 9.13 -12.51
CA ASP B 83 12.65 10.26 -12.09
C ASP B 83 11.91 11.54 -11.94
N GLU B 84 11.00 11.84 -12.84
CA GLU B 84 10.20 13.07 -12.80
C GLU B 84 9.34 13.06 -11.56
N ILE B 85 8.68 11.93 -11.25
CA ILE B 85 7.88 11.88 -10.03
C ILE B 85 8.74 12.09 -8.79
N VAL B 86 9.90 11.42 -8.74
CA VAL B 86 10.81 11.63 -7.63
C VAL B 86 11.25 13.09 -7.49
N GLU B 87 11.66 13.70 -8.62
CA GLU B 87 12.18 15.08 -8.50
C GLU B 87 11.09 16.08 -8.20
N LYS B 88 10.03 16.05 -9.01
CA LYS B 88 9.04 17.12 -8.96
C LYS B 88 8.09 16.95 -7.76
N HIS B 89 7.75 15.71 -7.45
CA HIS B 89 6.75 15.41 -6.42
C HIS B 89 7.41 14.99 -5.14
N LEU B 90 8.13 13.89 -5.12
CA LEU B 90 8.60 13.41 -3.83
C LEU B 90 9.52 14.39 -3.14
N LYS B 91 10.37 15.04 -3.92
CA LYS B 91 11.17 16.15 -3.41
C LYS B 91 10.44 17.50 -3.53
N GLY B 92 10.05 17.87 -4.75
CA GLY B 92 9.52 19.23 -4.96
C GLY B 92 8.19 19.56 -4.42
N GLY B 93 7.39 18.53 -4.11
CA GLY B 93 6.06 18.72 -3.62
C GLY B 93 5.01 19.06 -4.63
N GLU B 94 5.27 18.89 -5.93
CA GLU B 94 4.34 19.21 -6.97
C GLU B 94 4.05 17.91 -7.75
N PRO B 95 2.87 17.36 -7.57
CA PRO B 95 2.51 16.17 -8.37
C PRO B 95 2.69 16.42 -9.84
N VAL B 96 3.07 15.46 -10.66
CA VAL B 96 3.25 15.37 -12.06
C VAL B 96 1.85 15.27 -12.65
N GLU B 97 1.32 16.46 -12.93
CA GLU B 97 -0.06 16.66 -13.28
C GLU B 97 -0.50 15.75 -14.41
N ARG B 98 0.37 15.63 -15.41
CA ARG B 98 0.06 14.84 -16.61
C ARG B 98 -0.29 13.38 -16.34
N LEU B 99 0.26 12.83 -15.26
CA LEU B 99 0.05 11.43 -14.94
C LEU B 99 -0.99 11.21 -13.84
N VAL B 100 -1.51 12.26 -13.21
CA VAL B 100 -2.41 12.11 -12.09
C VAL B 100 -3.76 11.60 -12.61
N ILE B 101 -4.28 10.59 -11.94
CA ILE B 101 -5.62 10.11 -12.24
C ILE B 101 -6.61 10.41 -11.13
N SER B 102 -6.17 10.73 -9.92
CA SER B 102 -7.04 11.16 -8.83
C SER B 102 -6.21 11.85 -7.78
N LYS B 103 -6.85 12.75 -7.08
CA LYS B 103 -6.36 13.20 -5.80
C LYS B 103 -7.39 12.95 -4.68
FE1 FES C . 5.16 -7.59 6.83
FE2 FES C . 7.83 -7.14 6.81
S1 FES C . 6.76 -9.03 6.29
S2 FES C . 6.19 -5.72 7.43
FE1 FES D . -2.72 -2.82 -10.74
FE2 FES D . -5.30 -3.56 -10.79
S1 FES D . -3.55 -4.75 -11.45
S2 FES D . -4.45 -1.58 -10.14
#